data_3VEV
#
_entry.id   3VEV
#
_cell.length_a   67.170
_cell.length_b   82.110
_cell.length_c   86.220
_cell.angle_alpha   90.00
_cell.angle_beta   90.00
_cell.angle_gamma   90.00
#
_symmetry.space_group_name_H-M   'P 21 21 21'
#
loop_
_entity.id
_entity.type
_entity.pdbx_description
1 polymer Glucokinase
2 non-polymer alpha-D-glucopyranose
3 non-polymer (2S)-3-cyclopentyl-N-(5-methylpyridin-2-yl)-2-[2-oxo-4-(trifluoromethyl)pyridin-1(2H)-yl]propanamide
4 non-polymer 'SODIUM ION'
5 water water
#
_entity_poly.entity_id   1
_entity_poly.type   'polypeptide(L)'
_entity_poly.pdbx_seq_one_letter_code
;MGHHHHHHENLYFQGMKKEKVEQILAEFQLQEEDLKKVMRRMQKEMDRGLRLETHEEASVKMLPTYVRSTPEGSEVGDFL
SLDLGGTNFRVMLVKVGEGEEGQWSVKTKHQMYSIPEDAMTGTAEMLFDYISECISDFLDKHQMKHKKLPLGFTFSFPVR
HEDIDKGILLNWTKGFKASGAEGNNVVGLLRDAIKRRGDFEMDVVAMVNDTVATMISCYYEDHQCEVGMIVGTGCNACYM
EEMQNVELVEGDEGRMCVNTEWGAFGDSGELDEFLLEYDRLVDESSANPGQQLYEKLIGGKYMGELVRLVLLRLVDENLL
FHGEASEQLRTRGAFETRFVSQVESDTGDRKQIYNILSTLGLRPSTTDCDIVRRACESVSTRAAHMCSAGLAGVINRMRE
SRSEDVMRITVGVDGSVYKLHPSFKERFHASVRRLTPSCEITFIESEEGSGRGAALVSAVACKKACMLGQ
;
_entity_poly.pdbx_strand_id   A
#
# COMPACT_ATOMS: atom_id res chain seq x y z
N GLU A 9 -8.02 42.22 4.20
CA GLU A 9 -9.16 42.55 3.34
C GLU A 9 -8.78 43.35 2.07
N ASN A 10 -7.47 43.49 1.82
CA ASN A 10 -6.98 44.12 0.61
C ASN A 10 -6.87 42.97 -0.41
N LEU A 11 -7.82 42.94 -1.37
CA LEU A 11 -7.93 41.90 -2.39
C LEU A 11 -6.74 41.83 -3.34
N TYR A 12 -6.04 42.97 -3.53
CA TYR A 12 -4.84 42.96 -4.37
C TYR A 12 -3.72 42.19 -3.66
N PHE A 13 -3.54 42.43 -2.35
CA PHE A 13 -2.48 41.72 -1.60
C PHE A 13 -2.80 40.24 -1.41
N GLN A 14 -4.10 39.89 -1.24
CA GLN A 14 -4.55 38.51 -1.09
CA GLN A 14 -4.52 38.50 -1.08
C GLN A 14 -4.20 37.71 -2.35
N GLY A 15 -4.39 38.35 -3.51
CA GLY A 15 -4.10 37.80 -4.83
C GLY A 15 -2.61 37.58 -5.02
N MET A 16 -1.78 38.57 -4.59
CA MET A 16 -0.31 38.49 -4.67
C MET A 16 0.16 37.32 -3.79
N LYS A 17 -0.40 37.15 -2.57
CA LYS A 17 -0.05 36.03 -1.67
C LYS A 17 -0.40 34.72 -2.35
N LYS A 18 -1.62 34.58 -2.91
CA LYS A 18 -2.02 33.34 -3.59
C LYS A 18 -1.13 33.06 -4.81
N GLU A 19 -0.68 34.10 -5.53
CA GLU A 19 0.23 33.97 -6.69
C GLU A 19 1.59 33.42 -6.25
N LYS A 20 2.13 33.92 -5.11
CA LYS A 20 3.43 33.45 -4.57
C LYS A 20 3.30 31.98 -4.13
N VAL A 21 2.16 31.64 -3.51
CA VAL A 21 1.85 30.26 -3.10
C VAL A 21 1.84 29.35 -4.34
N GLU A 22 1.20 29.81 -5.45
CA GLU A 22 1.14 29.01 -6.68
C GLU A 22 2.52 28.73 -7.30
N GLN A 23 3.44 29.71 -7.22
CA GLN A 23 4.83 29.60 -7.69
C GLN A 23 5.56 28.53 -6.89
N ILE A 24 5.32 28.46 -5.57
CA ILE A 24 5.93 27.43 -4.71
C ILE A 24 5.31 26.05 -4.97
N LEU A 25 3.98 25.97 -5.06
CA LEU A 25 3.25 24.71 -5.30
C LEU A 25 3.50 24.09 -6.67
N ALA A 26 3.87 24.92 -7.66
CA ALA A 26 4.20 24.51 -9.03
C ALA A 26 5.28 23.44 -9.10
N GLU A 27 6.16 23.37 -8.07
CA GLU A 27 7.22 22.40 -7.93
C GLU A 27 6.69 20.94 -7.93
N PHE A 28 5.43 20.74 -7.52
CA PHE A 28 4.80 19.42 -7.44
C PHE A 28 4.31 18.89 -8.78
N GLN A 29 4.22 19.77 -9.78
CA GLN A 29 3.71 19.40 -11.10
C GLN A 29 4.56 18.35 -11.78
N LEU A 30 3.90 17.41 -12.42
CA LEU A 30 4.52 16.35 -13.21
C LEU A 30 3.82 16.37 -14.57
N GLN A 31 4.56 16.66 -15.65
CA GLN A 31 4.01 16.68 -17.01
C GLN A 31 3.81 15.24 -17.50
N GLU A 32 3.03 15.02 -18.59
CA GLU A 32 2.81 13.67 -19.11
CA GLU A 32 2.80 13.68 -19.12
C GLU A 32 4.15 13.02 -19.46
N GLU A 33 5.13 13.81 -19.98
CA GLU A 33 6.45 13.31 -20.33
C GLU A 33 7.23 12.81 -19.12
N ASP A 34 7.07 13.50 -17.97
CA ASP A 34 7.72 13.07 -16.71
C ASP A 34 7.13 11.73 -16.26
N LEU A 35 5.80 11.57 -16.36
CA LEU A 35 5.12 10.34 -15.96
C LEU A 35 5.53 9.18 -16.84
N LYS A 36 5.73 9.44 -18.15
CA LYS A 36 6.19 8.38 -19.07
C LYS A 36 7.61 7.95 -18.73
N LYS A 37 8.47 8.92 -18.33
CA LYS A 37 9.85 8.64 -17.92
C LYS A 37 9.82 7.79 -16.65
N VAL A 38 8.95 8.13 -15.65
CA VAL A 38 8.85 7.32 -14.42
C VAL A 38 8.37 5.91 -14.80
N MET A 39 7.36 5.85 -15.68
CA MET A 39 6.80 4.55 -16.12
C MET A 39 7.87 3.68 -16.76
N ARG A 40 8.64 4.24 -17.70
CA ARG A 40 9.70 3.49 -18.36
C ARG A 40 10.75 3.04 -17.38
N ARG A 41 11.12 3.93 -16.42
CA ARG A 41 12.11 3.53 -15.41
C ARG A 41 11.61 2.39 -14.55
N MET A 42 10.29 2.44 -14.18
CA MET A 42 9.60 1.41 -13.37
CA MET A 42 9.68 1.39 -13.38
C MET A 42 9.67 0.08 -14.14
N GLN A 43 9.32 0.11 -15.44
CA GLN A 43 9.33 -1.10 -16.28
C GLN A 43 10.75 -1.70 -16.37
N LYS A 44 11.78 -0.84 -16.49
CA LYS A 44 13.18 -1.29 -16.55
C LYS A 44 13.56 -2.02 -15.23
N GLU A 45 13.14 -1.47 -14.07
CA GLU A 45 13.40 -2.11 -12.77
C GLU A 45 12.62 -3.40 -12.58
N MET A 46 11.39 -3.47 -13.11
CA MET A 46 10.58 -4.69 -13.05
C MET A 46 11.26 -5.79 -13.83
N ASP A 47 11.77 -5.47 -15.04
CA ASP A 47 12.51 -6.43 -15.87
CA ASP A 47 12.50 -6.43 -15.88
C ASP A 47 13.69 -6.96 -15.06
N ARG A 48 14.43 -6.04 -14.41
CA ARG A 48 15.59 -6.33 -13.58
C ARG A 48 15.31 -7.24 -12.39
N GLY A 49 14.21 -6.95 -11.67
CA GLY A 49 13.77 -7.75 -10.52
C GLY A 49 13.41 -9.20 -10.86
N LEU A 50 12.86 -9.46 -12.08
CA LEU A 50 12.45 -10.81 -12.48
C LEU A 50 13.59 -11.73 -12.97
N ARG A 51 14.73 -11.14 -13.33
CA ARG A 51 15.85 -11.89 -13.89
C ARG A 51 16.86 -12.36 -12.85
N LEU A 52 17.31 -13.62 -12.99
CA LEU A 52 18.28 -14.24 -12.10
C LEU A 52 19.57 -13.37 -11.96
N GLU A 53 20.05 -12.85 -13.10
CA GLU A 53 21.26 -12.03 -13.24
CA GLU A 53 21.27 -12.04 -13.21
C GLU A 53 21.23 -10.70 -12.45
N THR A 54 20.09 -10.00 -12.47
CA THR A 54 19.98 -8.67 -11.84
C THR A 54 19.07 -8.56 -10.61
N HIS A 55 18.41 -9.67 -10.20
CA HIS A 55 17.49 -9.65 -9.06
C HIS A 55 18.09 -9.03 -7.79
N GLU A 56 19.32 -9.44 -7.42
CA GLU A 56 19.95 -8.94 -6.20
C GLU A 56 20.17 -7.45 -6.20
N GLU A 57 20.53 -6.86 -7.34
CA GLU A 57 20.73 -5.42 -7.40
C GLU A 57 19.45 -4.61 -7.63
N ALA A 58 18.39 -5.21 -8.22
CA ALA A 58 17.14 -4.51 -8.54
C ALA A 58 16.50 -3.86 -7.32
N SER A 59 16.03 -2.60 -7.46
CA SER A 59 15.34 -1.95 -6.34
C SER A 59 13.91 -2.49 -6.23
N VAL A 60 13.30 -2.89 -7.37
CA VAL A 60 11.93 -3.42 -7.40
C VAL A 60 12.08 -4.93 -7.45
N LYS A 61 11.78 -5.57 -6.31
CA LYS A 61 12.07 -7.01 -6.09
C LYS A 61 11.27 -8.03 -6.87
N MET A 62 10.05 -7.72 -7.29
CA MET A 62 9.26 -8.68 -8.13
C MET A 62 9.27 -10.10 -7.50
N LEU A 63 8.90 -10.15 -6.24
CA LEU A 63 8.95 -11.39 -5.49
C LEU A 63 7.93 -12.47 -5.86
N PRO A 64 8.37 -13.69 -6.23
CA PRO A 64 7.39 -14.77 -6.49
C PRO A 64 6.55 -15.04 -5.25
N THR A 65 5.23 -15.22 -5.41
CA THR A 65 4.30 -15.44 -4.28
C THR A 65 3.85 -16.89 -4.12
N TYR A 66 4.11 -17.72 -5.16
CA TYR A 66 3.62 -19.12 -5.19
C TYR A 66 2.11 -19.24 -5.32
N VAL A 67 1.45 -18.13 -5.71
CA VAL A 67 0.01 -18.13 -6.03
C VAL A 67 0.00 -18.25 -7.54
N ARG A 68 -0.66 -19.29 -8.05
N ARG A 68 -0.71 -19.26 -8.05
CA ARG A 68 -0.68 -19.65 -9.48
CA ARG A 68 -0.75 -19.67 -9.45
C ARG A 68 -2.09 -19.65 -10.09
C ARG A 68 -2.12 -19.61 -10.09
N SER A 69 -2.15 -19.61 -11.42
CA SER A 69 -3.39 -19.67 -12.19
C SER A 69 -3.66 -21.19 -12.22
N THR A 70 -4.92 -21.61 -12.26
CA THR A 70 -5.28 -23.04 -12.34
C THR A 70 -4.60 -23.87 -11.21
N PRO A 71 -4.90 -23.62 -9.92
CA PRO A 71 -4.26 -24.40 -8.84
C PRO A 71 -4.77 -25.83 -8.69
N GLU A 72 -5.91 -26.16 -9.34
CA GLU A 72 -6.49 -27.50 -9.28
C GLU A 72 -7.37 -27.77 -8.05
N GLY A 73 -6.84 -28.55 -7.11
CA GLY A 73 -7.54 -29.01 -5.90
C GLY A 73 -7.70 -28.01 -4.77
N SER A 74 -8.91 -27.96 -4.19
CA SER A 74 -9.27 -27.07 -3.10
C SER A 74 -10.11 -27.76 -2.02
N GLU A 75 -9.79 -27.51 -0.75
CA GLU A 75 -10.48 -28.05 0.40
C GLU A 75 -11.68 -27.14 0.76
N VAL A 76 -12.58 -27.64 1.62
CA VAL A 76 -13.76 -26.90 2.08
C VAL A 76 -13.84 -26.88 3.61
N GLY A 77 -14.53 -25.89 4.18
CA GLY A 77 -14.72 -25.81 5.61
C GLY A 77 -14.39 -24.46 6.21
N ASP A 78 -14.00 -24.46 7.49
CA ASP A 78 -13.65 -23.22 8.20
C ASP A 78 -12.19 -22.91 8.11
N PHE A 79 -11.88 -21.64 7.84
CA PHE A 79 -10.52 -21.11 7.71
C PHE A 79 -10.35 -19.87 8.58
N LEU A 80 -9.18 -19.74 9.22
CA LEU A 80 -8.89 -18.55 9.99
C LEU A 80 -7.95 -17.70 9.16
N SER A 81 -8.30 -16.43 8.98
CA SER A 81 -7.45 -15.51 8.24
C SER A 81 -6.97 -14.42 9.17
N LEU A 82 -5.68 -14.12 9.09
CA LEU A 82 -5.03 -13.07 9.88
C LEU A 82 -4.59 -11.98 8.95
N ASP A 83 -4.50 -10.75 9.47
CA ASP A 83 -4.00 -9.64 8.67
C ASP A 83 -3.13 -8.73 9.54
N LEU A 84 -1.84 -8.65 9.20
CA LEU A 84 -0.88 -7.75 9.88
C LEU A 84 -0.21 -6.86 8.85
N GLY A 85 -0.16 -5.56 9.13
CA GLY A 85 0.59 -4.65 8.27
C GLY A 85 -0.12 -3.40 7.83
N GLY A 86 -1.44 -3.42 7.84
CA GLY A 86 -2.24 -2.30 7.41
C GLY A 86 -2.49 -1.42 8.60
N THR A 87 -3.75 -1.27 8.94
CA THR A 87 -4.15 -0.53 10.12
C THR A 87 -4.68 -1.60 11.05
N ASN A 88 -3.99 -1.81 12.20
CA ASN A 88 -4.39 -2.77 13.23
C ASN A 88 -4.13 -4.22 12.83
N PHE A 89 -4.46 -5.17 13.71
CA PHE A 89 -4.28 -6.61 13.45
C PHE A 89 -5.69 -7.19 13.39
N ARG A 90 -6.00 -7.94 12.34
CA ARG A 90 -7.34 -8.50 12.13
C ARG A 90 -7.35 -10.00 12.14
N VAL A 91 -8.37 -10.59 12.78
CA VAL A 91 -8.60 -12.05 12.85
C VAL A 91 -10.00 -12.26 12.30
N MET A 92 -10.12 -13.19 11.35
CA MET A 92 -11.39 -13.46 10.66
C MET A 92 -11.62 -14.93 10.48
N LEU A 93 -12.87 -15.35 10.69
CA LEU A 93 -13.29 -16.73 10.45
C LEU A 93 -13.98 -16.74 9.10
N VAL A 94 -13.49 -17.55 8.15
CA VAL A 94 -14.05 -17.63 6.80
C VAL A 94 -14.50 -19.06 6.47
N LYS A 95 -15.74 -19.19 5.98
CA LYS A 95 -16.31 -20.47 5.53
C LYS A 95 -16.07 -20.58 4.02
N VAL A 96 -15.43 -21.67 3.58
CA VAL A 96 -15.18 -21.90 2.16
C VAL A 96 -15.95 -23.17 1.72
N GLY A 97 -16.71 -23.06 0.63
CA GLY A 97 -17.51 -24.15 0.07
C GLY A 97 -17.55 -24.16 -1.45
N GLU A 98 -18.44 -25.02 -2.05
CA GLU A 98 -18.64 -25.20 -3.51
C GLU A 98 -17.37 -25.73 -4.18
N TRP A 104 -17.54 -21.02 -3.12
CA TRP A 104 -17.83 -19.79 -2.39
C TRP A 104 -16.92 -19.54 -1.18
N SER A 105 -16.92 -18.29 -0.67
CA SER A 105 -16.15 -17.86 0.50
C SER A 105 -16.86 -16.69 1.21
N VAL A 106 -17.33 -16.92 2.46
CA VAL A 106 -18.03 -15.89 3.25
C VAL A 106 -17.43 -15.64 4.65
N LYS A 107 -17.20 -14.34 4.97
CA LYS A 107 -16.71 -13.86 6.26
C LYS A 107 -17.85 -14.03 7.25
N THR A 108 -17.67 -14.91 8.24
CA THR A 108 -18.72 -15.20 9.22
C THR A 108 -18.52 -14.43 10.52
N LYS A 109 -17.26 -14.35 10.99
CA LYS A 109 -16.89 -13.65 12.21
C LYS A 109 -15.59 -12.85 12.01
N HIS A 110 -15.46 -11.72 12.74
CA HIS A 110 -14.29 -10.85 12.57
C HIS A 110 -13.98 -10.05 13.83
N GLN A 111 -12.68 -9.82 14.07
CA GLN A 111 -12.25 -8.95 15.16
C GLN A 111 -10.94 -8.29 14.82
N MET A 112 -10.85 -6.99 15.13
N MET A 112 -10.82 -6.99 15.12
CA MET A 112 -9.70 -6.12 14.92
CA MET A 112 -9.59 -6.28 14.96
C MET A 112 -9.12 -5.74 16.29
C MET A 112 -9.08 -5.83 16.31
N TYR A 113 -7.78 -5.72 16.40
CA TYR A 113 -7.05 -5.39 17.62
C TYR A 113 -6.05 -4.33 17.32
N SER A 114 -5.98 -3.32 18.17
CA SER A 114 -5.00 -2.25 18.01
C SER A 114 -3.66 -2.81 18.50
N ILE A 115 -2.60 -2.58 17.75
CA ILE A 115 -1.29 -3.08 18.16
C ILE A 115 -0.60 -2.04 19.07
N PRO A 116 -0.17 -2.40 20.29
CA PRO A 116 0.57 -1.42 21.12
C PRO A 116 1.89 -1.04 20.46
N GLU A 117 2.28 0.26 20.55
CA GLU A 117 3.52 0.79 19.96
C GLU A 117 4.75 -0.02 20.38
N ASP A 118 4.77 -0.52 21.64
CA ASP A 118 5.83 -1.36 22.18
C ASP A 118 5.99 -2.71 21.45
N ALA A 119 4.97 -3.14 20.67
CA ALA A 119 4.98 -4.39 19.92
C ALA A 119 5.33 -4.21 18.44
N MET A 120 5.23 -2.99 17.90
CA MET A 120 5.59 -2.74 16.50
C MET A 120 7.07 -2.37 16.37
N THR A 121 7.64 -1.83 17.45
CA THR A 121 9.03 -1.39 17.53
C THR A 121 9.86 -2.07 18.62
N GLY A 122 9.34 -3.13 19.26
CA GLY A 122 10.07 -3.86 20.28
C GLY A 122 10.80 -5.04 19.69
N THR A 123 10.58 -6.24 20.24
CA THR A 123 11.18 -7.45 19.68
C THR A 123 10.11 -8.17 18.83
N ALA A 124 10.56 -9.03 17.91
CA ALA A 124 9.63 -9.85 17.11
C ALA A 124 8.88 -10.79 18.07
N GLU A 125 9.55 -11.25 19.17
CA GLU A 125 8.90 -12.10 20.16
C GLU A 125 7.69 -11.39 20.78
N MET A 126 7.82 -10.09 21.15
CA MET A 126 6.73 -9.29 21.72
C MET A 126 5.57 -9.19 20.70
N LEU A 127 5.91 -8.86 19.45
CA LEU A 127 4.92 -8.71 18.38
C LEU A 127 4.12 -9.98 18.14
N PHE A 128 4.82 -11.10 17.92
CA PHE A 128 4.18 -12.37 17.67
C PHE A 128 3.44 -12.93 18.90
N ASP A 129 3.91 -12.59 20.12
CA ASP A 129 3.22 -12.97 21.36
C ASP A 129 1.89 -12.23 21.41
N TYR A 130 1.90 -10.93 21.06
CA TYR A 130 0.68 -10.13 21.03
C TYR A 130 -0.30 -10.71 20.01
N ILE A 131 0.19 -11.02 18.79
CA ILE A 131 -0.61 -11.64 17.71
C ILE A 131 -1.27 -12.93 18.25
N SER A 132 -0.49 -13.81 18.93
CA SER A 132 -1.03 -15.06 19.50
C SER A 132 -2.10 -14.85 20.56
N GLU A 133 -1.93 -13.80 21.38
CA GLU A 133 -2.90 -13.42 22.42
C GLU A 133 -4.22 -13.01 21.75
N CYS A 134 -4.15 -12.19 20.66
CA CYS A 134 -5.33 -11.77 19.88
C CYS A 134 -6.05 -12.99 19.31
N ILE A 135 -5.30 -13.98 18.77
CA ILE A 135 -5.90 -15.20 18.21
C ILE A 135 -6.65 -15.97 19.30
N SER A 136 -6.03 -16.13 20.48
CA SER A 136 -6.63 -16.77 21.65
C SER A 136 -7.96 -16.08 22.04
N ASP A 137 -7.96 -14.71 22.10
CA ASP A 137 -9.14 -13.88 22.40
C ASP A 137 -10.27 -14.09 21.38
N PHE A 138 -9.93 -14.14 20.08
CA PHE A 138 -10.94 -14.32 19.02
C PHE A 138 -11.61 -15.68 19.13
N LEU A 139 -10.80 -16.74 19.33
CA LEU A 139 -11.30 -18.10 19.42
C LEU A 139 -12.24 -18.28 20.62
N ASP A 140 -11.99 -17.53 21.72
CA ASP A 140 -12.84 -17.56 22.93
C ASP A 140 -14.18 -16.86 22.68
N LYS A 141 -14.15 -15.68 22.03
CA LYS A 141 -15.36 -14.91 21.69
C LYS A 141 -16.34 -15.71 20.80
N HIS A 142 -15.83 -16.73 20.07
CA HIS A 142 -16.64 -17.56 19.17
C HIS A 142 -16.66 -19.06 19.47
N GLN A 143 -16.12 -19.47 20.66
CA GLN A 143 -16.05 -20.84 21.17
C GLN A 143 -15.47 -21.86 20.17
N MET A 144 -14.22 -21.61 19.73
CA MET A 144 -13.54 -22.48 18.76
C MET A 144 -12.05 -22.74 19.00
N LYS A 145 -11.55 -22.39 20.22
CA LYS A 145 -10.14 -22.58 20.60
C LYS A 145 -9.62 -24.01 20.45
N HIS A 146 -10.46 -25.01 20.77
CA HIS A 146 -10.11 -26.42 20.65
C HIS A 146 -10.07 -26.89 19.19
N LYS A 147 -10.83 -26.23 18.30
CA LYS A 147 -10.89 -26.57 16.87
C LYS A 147 -9.61 -26.12 16.15
N LYS A 148 -8.96 -27.06 15.45
CA LYS A 148 -7.73 -26.80 14.71
C LYS A 148 -8.11 -26.51 13.27
N LEU A 149 -7.99 -25.24 12.87
CA LEU A 149 -8.37 -24.81 11.53
C LEU A 149 -7.13 -24.48 10.70
N PRO A 150 -7.20 -24.61 9.36
CA PRO A 150 -6.07 -24.15 8.53
C PRO A 150 -6.07 -22.61 8.63
N LEU A 151 -4.88 -22.04 8.77
CA LEU A 151 -4.69 -20.60 8.95
C LEU A 151 -3.95 -20.00 7.76
N GLY A 152 -4.46 -18.87 7.29
CA GLY A 152 -3.83 -18.11 6.21
C GLY A 152 -3.46 -16.76 6.78
N PHE A 153 -2.25 -16.30 6.47
CA PHE A 153 -1.73 -15.08 7.06
C PHE A 153 -1.46 -14.00 6.01
N THR A 154 -2.23 -12.89 6.03
CA THR A 154 -1.92 -11.75 5.16
C THR A 154 -0.89 -10.94 5.93
N PHE A 155 0.32 -10.80 5.37
CA PHE A 155 1.45 -10.16 6.02
C PHE A 155 1.99 -9.16 4.99
N SER A 156 1.70 -7.87 5.23
CA SER A 156 1.89 -6.74 4.31
C SER A 156 3.30 -6.20 4.29
N PHE A 157 4.30 -7.05 4.01
CA PHE A 157 5.71 -6.65 3.99
C PHE A 157 6.46 -7.46 2.98
N PRO A 158 7.66 -7.02 2.53
CA PRO A 158 8.41 -7.82 1.54
C PRO A 158 8.92 -9.14 2.08
N VAL A 159 8.51 -10.24 1.44
CA VAL A 159 8.91 -11.59 1.82
C VAL A 159 9.48 -12.37 0.62
N ARG A 160 10.65 -13.00 0.83
CA ARG A 160 11.24 -13.90 -0.17
CA ARG A 160 11.21 -13.89 -0.18
C ARG A 160 10.68 -15.28 0.15
N HIS A 161 9.78 -15.78 -0.68
CA HIS A 161 9.15 -17.09 -0.46
C HIS A 161 9.97 -18.27 -0.98
N GLU A 162 9.93 -19.38 -0.24
CA GLU A 162 10.48 -20.65 -0.70
C GLU A 162 9.26 -21.45 -1.21
N ASP A 163 8.06 -21.14 -0.69
CA ASP A 163 6.79 -21.78 -1.04
C ASP A 163 5.67 -20.93 -0.45
N ILE A 164 4.43 -21.33 -0.64
CA ILE A 164 3.26 -20.62 -0.14
C ILE A 164 3.23 -20.44 1.38
N ASP A 165 3.86 -21.36 2.12
CA ASP A 165 3.84 -21.39 3.59
C ASP A 165 5.21 -21.18 4.24
N LYS A 166 6.18 -20.65 3.48
CA LYS A 166 7.53 -20.47 3.98
C LYS A 166 8.18 -19.30 3.28
N GLY A 167 8.63 -18.32 4.04
CA GLY A 167 9.26 -17.15 3.46
C GLY A 167 9.88 -16.23 4.47
N ILE A 168 11.01 -15.65 4.10
CA ILE A 168 11.76 -14.74 4.96
C ILE A 168 11.42 -13.26 4.77
N LEU A 169 11.31 -12.54 5.90
CA LEU A 169 11.06 -11.10 5.90
C LEU A 169 12.34 -10.40 5.39
N LEU A 170 12.24 -9.66 4.29
CA LEU A 170 13.43 -8.99 3.75
C LEU A 170 13.74 -7.76 4.60
N ASN A 171 12.73 -6.96 4.85
CA ASN A 171 12.78 -5.79 5.72
C ASN A 171 11.42 -5.29 6.11
N TRP A 172 11.34 -4.69 7.30
CA TRP A 172 10.12 -4.03 7.71
C TRP A 172 9.98 -2.75 6.89
N THR A 173 8.76 -2.30 6.69
CA THR A 173 8.42 -1.05 6.02
C THR A 173 7.32 -0.39 6.87
N LYS A 174 6.91 0.84 6.50
CA LYS A 174 5.81 1.57 7.12
C LYS A 174 5.98 1.81 8.64
N GLY A 175 7.22 1.98 9.08
CA GLY A 175 7.46 2.26 10.50
C GLY A 175 7.57 1.07 11.44
N PHE A 176 7.32 -0.15 10.95
CA PHE A 176 7.50 -1.36 11.75
C PHE A 176 9.00 -1.54 12.00
N LYS A 177 9.42 -1.98 13.20
CA LYS A 177 10.86 -2.09 13.50
C LYS A 177 11.23 -3.26 14.43
N ALA A 178 10.31 -4.20 14.67
CA ALA A 178 10.54 -5.31 15.61
C ALA A 178 11.83 -6.12 15.35
N SER A 179 12.79 -6.11 16.31
CA SER A 179 14.07 -6.81 16.17
C SER A 179 13.89 -8.32 16.10
N GLY A 180 14.82 -9.02 15.44
CA GLY A 180 14.77 -10.46 15.35
C GLY A 180 13.76 -11.04 14.36
N ALA A 181 13.27 -10.22 13.42
CA ALA A 181 12.31 -10.69 12.41
C ALA A 181 12.94 -10.74 11.02
N GLU A 182 13.68 -9.68 10.63
CA GLU A 182 14.33 -9.60 9.31
C GLU A 182 15.30 -10.77 9.08
N GLY A 183 15.09 -11.48 7.99
CA GLY A 183 15.91 -12.64 7.65
C GLY A 183 15.39 -13.97 8.17
N ASN A 184 14.30 -13.95 8.96
CA ASN A 184 13.69 -15.16 9.50
C ASN A 184 12.41 -15.55 8.81
N ASN A 185 12.06 -16.85 8.87
CA ASN A 185 10.82 -17.36 8.29
C ASN A 185 9.66 -16.78 9.10
N VAL A 186 8.82 -15.94 8.46
CA VAL A 186 7.68 -15.29 9.11
C VAL A 186 6.66 -16.29 9.61
N VAL A 187 6.44 -17.39 8.87
CA VAL A 187 5.49 -18.44 9.28
C VAL A 187 6.03 -19.12 10.56
N GLY A 188 7.34 -19.32 10.60
CA GLY A 188 8.04 -19.88 11.76
C GLY A 188 7.89 -18.99 12.97
N LEU A 189 8.05 -17.65 12.81
CA LEU A 189 7.87 -16.70 13.92
C LEU A 189 6.44 -16.80 14.53
N LEU A 190 5.45 -16.93 13.65
CA LEU A 190 4.06 -17.08 14.04
C LEU A 190 3.84 -18.42 14.73
N ARG A 191 4.25 -19.53 14.10
CA ARG A 191 4.09 -20.86 14.67
C ARG A 191 4.78 -20.94 16.04
N ASP A 192 6.01 -20.36 16.16
CA ASP A 192 6.74 -20.41 17.44
C ASP A 192 5.96 -19.71 18.54
N ALA A 193 5.38 -18.54 18.25
CA ALA A 193 4.63 -17.74 19.23
C ALA A 193 3.36 -18.48 19.68
N ILE A 194 2.65 -19.14 18.74
CA ILE A 194 1.45 -19.94 19.06
C ILE A 194 1.84 -21.04 20.03
N LYS A 195 2.94 -21.75 19.72
CA LYS A 195 3.41 -22.83 20.57
C LYS A 195 3.86 -22.37 21.98
N ARG A 196 4.48 -21.17 22.10
CA ARG A 196 4.88 -20.66 23.43
C ARG A 196 3.66 -20.39 24.31
N ARG A 197 2.52 -19.99 23.71
CA ARG A 197 1.26 -19.76 24.43
C ARG A 197 0.61 -21.11 24.82
N GLY A 198 0.45 -21.98 23.81
CA GLY A 198 -0.08 -23.33 23.97
C GLY A 198 -1.53 -23.48 24.41
N ASP A 199 -2.39 -22.49 24.07
CA ASP A 199 -3.81 -22.60 24.43
C ASP A 199 -4.76 -22.80 23.21
N PHE A 200 -4.15 -23.01 22.01
CA PHE A 200 -4.86 -23.32 20.75
C PHE A 200 -3.87 -23.92 19.74
N GLU A 201 -4.39 -24.55 18.67
CA GLU A 201 -3.57 -25.13 17.62
C GLU A 201 -4.11 -24.71 16.26
N MET A 202 -3.22 -24.36 15.35
CA MET A 202 -3.57 -23.96 13.99
C MET A 202 -2.54 -24.54 13.03
N ASP A 203 -3.00 -24.90 11.84
CA ASP A 203 -2.11 -25.38 10.80
C ASP A 203 -1.88 -24.17 9.88
N VAL A 204 -0.74 -23.50 10.03
CA VAL A 204 -0.40 -22.33 9.19
C VAL A 204 -0.07 -22.87 7.79
N VAL A 205 -1.00 -22.68 6.84
CA VAL A 205 -0.83 -23.24 5.51
C VAL A 205 -0.43 -22.26 4.42
N ALA A 206 -0.61 -20.96 4.66
CA ALA A 206 -0.35 -19.97 3.64
C ALA A 206 0.00 -18.62 4.21
N MET A 207 0.85 -17.90 3.48
CA MET A 207 1.18 -16.52 3.79
C MET A 207 1.14 -15.76 2.48
N VAL A 208 0.43 -14.62 2.47
CA VAL A 208 0.25 -13.79 1.27
C VAL A 208 0.44 -12.33 1.60
N ASN A 209 0.88 -11.55 0.60
CA ASN A 209 0.95 -10.10 0.72
C ASN A 209 -0.50 -9.55 0.64
N ASP A 210 -0.72 -8.32 1.15
CA ASP A 210 -2.07 -7.73 1.09
C ASP A 210 -2.50 -7.42 -0.33
N THR A 211 -1.55 -7.10 -1.24
CA THR A 211 -1.92 -6.87 -2.65
C THR A 211 -2.56 -8.17 -3.23
N VAL A 212 -1.97 -9.30 -2.87
CA VAL A 212 -2.30 -10.65 -3.33
C VAL A 212 -3.68 -11.03 -2.83
N ALA A 213 -3.91 -10.85 -1.52
CA ALA A 213 -5.22 -11.12 -0.91
C ALA A 213 -6.31 -10.25 -1.58
N THR A 214 -6.01 -8.96 -1.88
CA THR A 214 -6.93 -8.08 -2.59
C THR A 214 -7.25 -8.56 -3.99
N MET A 215 -6.20 -8.92 -4.76
CA MET A 215 -6.42 -9.42 -6.11
C MET A 215 -7.32 -10.65 -6.05
N ILE A 216 -7.04 -11.59 -5.13
CA ILE A 216 -7.83 -12.85 -5.05
C ILE A 216 -9.29 -12.62 -4.64
N SER A 217 -9.53 -11.71 -3.67
CA SER A 217 -10.91 -11.42 -3.27
C SER A 217 -11.66 -10.76 -4.43
N CYS A 218 -10.98 -9.95 -5.24
CA CYS A 218 -11.62 -9.29 -6.38
C CYS A 218 -11.78 -10.28 -7.54
N TYR A 219 -10.81 -11.19 -7.72
CA TYR A 219 -10.85 -12.23 -8.74
C TYR A 219 -12.11 -13.08 -8.50
N TYR A 220 -12.42 -13.35 -7.23
CA TYR A 220 -13.61 -14.12 -6.81
C TYR A 220 -14.92 -13.53 -7.41
N GLU A 221 -14.99 -12.18 -7.58
CA GLU A 221 -16.14 -11.47 -8.15
C GLU A 221 -16.03 -11.24 -9.67
N ASP A 222 -14.80 -11.18 -10.20
CA ASP A 222 -14.50 -10.91 -11.61
C ASP A 222 -13.24 -11.68 -12.03
N HIS A 223 -13.40 -12.76 -12.83
CA HIS A 223 -12.28 -13.61 -13.27
C HIS A 223 -11.22 -12.90 -14.16
N GLN A 224 -11.47 -11.64 -14.57
CA GLN A 224 -10.48 -10.88 -15.34
C GLN A 224 -9.56 -10.11 -14.39
N CYS A 225 -9.78 -10.21 -13.05
CA CYS A 225 -8.90 -9.53 -12.14
C CYS A 225 -7.59 -10.26 -11.91
N GLU A 226 -6.49 -9.69 -12.48
CA GLU A 226 -5.15 -10.27 -12.40
C GLU A 226 -4.12 -9.29 -11.91
N VAL A 227 -4.58 -8.21 -11.25
CA VAL A 227 -3.72 -7.17 -10.67
C VAL A 227 -4.37 -6.79 -9.34
N GLY A 228 -3.56 -6.64 -8.29
CA GLY A 228 -4.03 -6.17 -6.99
C GLY A 228 -3.19 -4.96 -6.62
N MET A 229 -3.83 -3.92 -6.09
CA MET A 229 -3.05 -2.73 -5.73
C MET A 229 -3.54 -2.22 -4.39
N ILE A 230 -2.61 -1.73 -3.57
CA ILE A 230 -2.93 -1.14 -2.28
C ILE A 230 -2.48 0.29 -2.33
N VAL A 231 -3.35 1.22 -1.91
CA VAL A 231 -3.01 2.64 -1.70
C VAL A 231 -3.59 3.00 -0.34
N GLY A 232 -2.93 2.57 0.73
CA GLY A 232 -3.37 2.81 2.10
C GLY A 232 -2.25 3.49 2.86
N THR A 233 -1.84 2.90 3.99
CA THR A 233 -0.67 3.38 4.75
C THR A 233 0.52 3.41 3.80
N GLY A 234 0.68 2.30 3.08
CA GLY A 234 1.72 2.12 2.09
C GLY A 234 1.15 1.94 0.70
N CYS A 235 2.02 1.63 -0.29
CA CYS A 235 1.56 1.52 -1.68
C CYS A 235 2.35 0.43 -2.37
N ASN A 236 1.66 -0.50 -2.97
CA ASN A 236 2.34 -1.62 -3.62
C ASN A 236 1.36 -2.26 -4.62
N ALA A 237 1.87 -3.17 -5.50
CA ALA A 237 0.99 -3.86 -6.42
C ALA A 237 1.54 -5.24 -6.72
N CYS A 238 0.64 -6.14 -7.08
CA CYS A 238 0.98 -7.50 -7.52
C CYS A 238 0.27 -7.80 -8.82
N TYR A 239 0.79 -8.78 -9.61
CA TYR A 239 0.11 -9.10 -10.87
C TYR A 239 0.46 -10.52 -11.30
N MET A 240 -0.36 -11.09 -12.19
CA MET A 240 -0.10 -12.45 -12.68
C MET A 240 0.92 -12.40 -13.83
N GLU A 241 2.14 -12.84 -13.55
CA GLU A 241 3.23 -12.86 -14.53
C GLU A 241 3.30 -14.24 -15.21
N GLU A 242 3.86 -14.30 -16.41
CA GLU A 242 4.04 -15.57 -17.12
C GLU A 242 5.15 -16.35 -16.39
N MET A 243 4.96 -17.64 -16.11
CA MET A 243 6.01 -18.42 -15.41
C MET A 243 7.35 -18.40 -16.18
N GLN A 244 7.31 -18.25 -17.51
CA GLN A 244 8.54 -18.19 -18.31
C GLN A 244 9.41 -16.96 -18.00
N ASN A 245 8.77 -15.91 -17.50
CA ASN A 245 9.43 -14.65 -17.15
C ASN A 245 9.86 -14.63 -15.70
N VAL A 246 9.28 -15.52 -14.88
CA VAL A 246 9.59 -15.60 -13.45
C VAL A 246 10.81 -16.51 -13.39
N GLU A 247 12.01 -15.93 -13.60
CA GLU A 247 13.25 -16.73 -13.62
C GLU A 247 13.63 -17.33 -12.28
N LEU A 248 13.11 -16.74 -11.17
CA LEU A 248 13.42 -17.21 -9.82
CA LEU A 248 13.41 -17.20 -9.81
C LEU A 248 12.65 -18.49 -9.44
N VAL A 249 11.69 -18.92 -10.28
CA VAL A 249 10.94 -20.15 -10.02
C VAL A 249 11.07 -21.06 -11.24
N GLU A 250 11.60 -22.27 -11.03
CA GLU A 250 11.77 -23.27 -12.10
C GLU A 250 10.39 -23.57 -12.69
N GLY A 251 10.29 -23.53 -13.99
CA GLY A 251 9.04 -23.82 -14.67
C GLY A 251 8.62 -22.68 -15.56
N ASP A 252 8.07 -23.03 -16.71
CA ASP A 252 7.69 -22.01 -17.67
C ASP A 252 6.24 -22.11 -18.15
N GLU A 253 5.44 -22.94 -17.50
CA GLU A 253 4.05 -23.15 -17.83
C GLU A 253 3.12 -22.43 -16.87
N GLY A 254 2.16 -21.71 -17.45
CA GLY A 254 1.15 -20.99 -16.69
C GLY A 254 1.63 -19.67 -16.14
N ARG A 255 0.94 -19.20 -15.08
CA ARG A 255 1.19 -17.91 -14.47
C ARG A 255 1.39 -18.01 -12.96
N MET A 256 2.12 -17.05 -12.41
CA MET A 256 2.36 -16.95 -10.98
C MET A 256 2.26 -15.48 -10.62
N CYS A 257 1.61 -15.22 -9.49
CA CYS A 257 1.48 -13.86 -9.00
C CYS A 257 2.84 -13.38 -8.50
N VAL A 258 3.23 -12.15 -8.87
CA VAL A 258 4.51 -11.53 -8.48
C VAL A 258 4.18 -10.30 -7.63
N ASN A 259 4.78 -10.21 -6.45
CA ASN A 259 4.60 -9.07 -5.54
C ASN A 259 5.69 -8.07 -5.94
N THR A 260 5.33 -6.99 -6.67
CA THR A 260 6.37 -6.07 -7.17
C THR A 260 7.23 -5.44 -6.08
N GLU A 261 6.61 -5.10 -4.93
CA GLU A 261 7.25 -4.30 -3.89
C GLU A 261 7.73 -2.99 -4.52
N TRP A 262 6.85 -2.40 -5.36
CA TRP A 262 7.22 -1.17 -6.06
C TRP A 262 7.50 0.05 -5.19
N GLY A 263 7.13 -0.03 -3.91
CA GLY A 263 7.37 1.06 -2.96
C GLY A 263 8.84 1.41 -2.88
N ALA A 264 9.75 0.43 -3.12
CA ALA A 264 11.22 0.58 -3.08
C ALA A 264 11.81 1.15 -4.39
N PHE A 265 10.98 1.37 -5.44
CA PHE A 265 11.45 2.07 -6.64
C PHE A 265 11.99 3.46 -6.20
N GLY A 266 13.11 3.90 -6.75
CA GLY A 266 13.73 5.15 -6.32
C GLY A 266 14.82 4.95 -5.30
N ASP A 267 14.89 3.76 -4.66
CA ASP A 267 15.89 3.50 -3.61
C ASP A 267 17.31 3.45 -4.16
N SER A 268 17.43 3.29 -5.48
CA SER A 268 18.70 3.30 -6.19
C SER A 268 18.93 4.59 -6.99
N GLY A 269 18.18 5.66 -6.67
CA GLY A 269 18.33 6.96 -7.32
C GLY A 269 17.41 7.25 -8.48
N GLU A 270 16.53 6.29 -8.82
CA GLU A 270 15.62 6.39 -9.98
C GLU A 270 14.62 7.54 -10.01
N LEU A 271 14.34 8.16 -8.84
CA LEU A 271 13.40 9.29 -8.75
C LEU A 271 14.11 10.58 -8.34
N ASP A 272 15.45 10.56 -8.27
CA ASP A 272 16.20 11.70 -7.76
C ASP A 272 15.78 13.06 -8.27
N GLU A 273 15.58 13.21 -9.58
CA GLU A 273 15.21 14.51 -10.17
C GLU A 273 13.83 15.04 -9.76
N PHE A 274 12.97 14.16 -9.21
CA PHE A 274 11.62 14.55 -8.82
C PHE A 274 11.48 14.77 -7.33
N LEU A 275 12.50 14.38 -6.53
CA LEU A 275 12.39 14.51 -5.09
C LEU A 275 12.53 15.97 -4.65
N LEU A 276 11.58 16.43 -3.84
CA LEU A 276 11.56 17.82 -3.38
C LEU A 276 12.13 17.92 -1.98
N GLU A 277 12.35 19.15 -1.47
CA GLU A 277 12.85 19.32 -0.09
C GLU A 277 11.93 18.60 0.93
N TYR A 278 10.59 18.60 0.70
CA TYR A 278 9.59 17.99 1.62
C TYR A 278 9.79 16.49 1.69
N ASP A 279 10.11 15.89 0.53
CA ASP A 279 10.37 14.44 0.43
C ASP A 279 11.62 14.06 1.19
N ARG A 280 12.66 14.89 1.10
CA ARG A 280 13.91 14.64 1.79
C ARG A 280 13.73 14.69 3.30
N LEU A 281 12.95 15.68 3.79
CA LEU A 281 12.65 15.81 5.21
C LEU A 281 11.84 14.63 5.74
N VAL A 282 10.75 14.24 5.04
CA VAL A 282 9.94 13.09 5.47
C VAL A 282 10.81 11.83 5.51
N ASP A 283 11.63 11.64 4.47
CA ASP A 283 12.50 10.45 4.42
C ASP A 283 13.46 10.41 5.62
N GLU A 284 14.13 11.54 5.87
CA GLU A 284 15.12 11.68 6.93
C GLU A 284 14.58 11.48 8.34
N SER A 285 13.31 11.84 8.57
CA SER A 285 12.63 11.65 9.87
C SER A 285 11.90 10.32 9.96
N SER A 286 11.95 9.46 8.89
CA SER A 286 11.22 8.20 8.93
C SER A 286 11.99 7.11 9.66
N ALA A 287 11.31 5.98 9.93
CA ALA A 287 11.91 4.79 10.57
C ALA A 287 12.85 4.10 9.60
N ASN A 288 12.69 4.34 8.26
CA ASN A 288 13.52 3.66 7.25
C ASN A 288 14.11 4.67 6.25
N PRO A 289 15.02 5.57 6.71
CA PRO A 289 15.59 6.56 5.77
C PRO A 289 16.32 5.94 4.58
N GLY A 290 16.02 6.50 3.41
CA GLY A 290 16.59 6.05 2.15
C GLY A 290 15.87 4.86 1.56
N GLN A 291 14.79 4.39 2.23
CA GLN A 291 14.07 3.20 1.73
C GLN A 291 12.63 3.53 1.42
N GLN A 292 11.99 2.75 0.54
CA GLN A 292 10.58 2.96 0.14
C GLN A 292 10.32 4.37 -0.39
N LEU A 293 11.24 4.91 -1.21
CA LEU A 293 11.10 6.30 -1.69
C LEU A 293 9.87 6.59 -2.57
N TYR A 294 9.51 5.64 -3.45
CA TYR A 294 8.32 5.81 -4.30
C TYR A 294 7.09 5.77 -3.42
N GLU A 295 7.03 4.80 -2.46
CA GLU A 295 5.91 4.73 -1.52
C GLU A 295 5.75 6.05 -0.72
N LYS A 296 6.86 6.70 -0.36
CA LYS A 296 6.83 7.93 0.44
C LYS A 296 6.23 9.09 -0.33
N LEU A 297 6.14 8.97 -1.66
CA LEU A 297 5.47 10.00 -2.48
C LEU A 297 3.95 9.80 -2.53
N ILE A 298 3.45 8.61 -2.11
CA ILE A 298 2.01 8.29 -2.29
C ILE A 298 1.26 7.87 -1.01
N GLY A 299 1.88 7.00 -0.22
CA GLY A 299 1.26 6.38 0.94
C GLY A 299 0.69 7.30 2.01
N GLY A 300 -0.40 6.85 2.62
CA GLY A 300 -1.08 7.59 3.68
C GLY A 300 -0.24 7.76 4.94
N LYS A 301 0.80 6.93 5.12
CA LYS A 301 1.66 7.11 6.28
C LYS A 301 2.44 8.45 6.14
N TYR A 302 2.63 8.94 4.90
CA TYR A 302 3.44 10.11 4.62
C TYR A 302 2.71 11.32 4.05
N MET A 303 1.55 11.11 3.42
CA MET A 303 0.85 12.21 2.72
C MET A 303 0.57 13.44 3.58
N GLY A 304 -0.09 13.24 4.71
CA GLY A 304 -0.41 14.32 5.63
C GLY A 304 0.83 15.08 6.08
N GLU A 305 1.88 14.33 6.40
CA GLU A 305 3.18 14.90 6.81
C GLU A 305 3.77 15.78 5.68
N LEU A 306 3.67 15.34 4.40
CA LEU A 306 4.18 16.17 3.29
C LEU A 306 3.43 17.50 3.27
N VAL A 307 2.07 17.45 3.45
CA VAL A 307 1.26 18.68 3.48
C VAL A 307 1.74 19.54 4.66
N ARG A 308 1.95 18.95 5.84
CA ARG A 308 2.39 19.71 7.02
C ARG A 308 3.68 20.51 6.72
N LEU A 309 4.65 19.87 6.05
CA LEU A 309 5.93 20.51 5.71
C LEU A 309 5.74 21.59 4.66
N VAL A 310 4.77 21.40 3.74
CA VAL A 310 4.43 22.44 2.74
C VAL A 310 3.89 23.64 3.50
N LEU A 311 2.96 23.39 4.45
CA LEU A 311 2.39 24.50 5.24
C LEU A 311 3.44 25.28 6.01
N LEU A 312 4.41 24.60 6.64
CA LEU A 312 5.48 25.28 7.36
C LEU A 312 6.33 26.16 6.46
N ARG A 313 6.61 25.70 5.23
CA ARG A 313 7.35 26.50 4.24
C ARG A 313 6.52 27.76 3.94
N LEU A 314 5.19 27.60 3.71
CA LEU A 314 4.35 28.78 3.43
C LEU A 314 4.24 29.72 4.64
N VAL A 315 4.27 29.16 5.86
CA VAL A 315 4.29 29.97 7.10
C VAL A 315 5.62 30.77 7.16
N ASP A 316 6.74 30.09 6.87
CA ASP A 316 8.07 30.71 6.86
C ASP A 316 8.19 31.87 5.87
N GLU A 317 7.46 31.81 4.74
CA GLU A 317 7.47 32.83 3.69
C GLU A 317 6.46 33.94 3.98
N ASN A 318 5.82 33.91 5.18
CA ASN A 318 4.79 34.86 5.64
C ASN A 318 3.60 34.83 4.66
N LEU A 319 3.28 33.63 4.12
CA LEU A 319 2.16 33.51 3.18
C LEU A 319 0.92 32.88 3.82
N LEU A 320 1.07 32.36 5.06
CA LEU A 320 0.03 31.61 5.74
C LEU A 320 0.08 31.86 7.23
N PHE A 321 -1.12 31.94 7.88
CA PHE A 321 -1.28 32.13 9.35
C PHE A 321 -0.46 33.27 9.96
N HIS A 322 -0.31 34.36 9.19
CA HIS A 322 0.47 35.54 9.64
C HIS A 322 1.95 35.20 9.92
N GLY A 323 2.48 34.15 9.29
CA GLY A 323 3.85 33.74 9.53
C GLY A 323 4.11 33.15 10.90
N GLU A 324 3.04 32.65 11.58
CA GLU A 324 3.11 32.00 12.90
C GLU A 324 2.53 30.59 12.85
N ALA A 325 3.31 29.59 13.25
CA ALA A 325 2.84 28.19 13.28
C ALA A 325 2.60 27.78 14.74
N SER A 326 1.41 27.22 15.01
CA SER A 326 1.03 26.74 16.35
C SER A 326 1.90 25.55 16.77
N GLU A 327 1.88 25.18 18.06
CA GLU A 327 2.64 24.02 18.53
C GLU A 327 2.21 22.75 17.78
N GLN A 328 0.88 22.60 17.58
CA GLN A 328 0.34 21.43 16.87
C GLN A 328 0.81 21.38 15.43
N LEU A 329 0.83 22.53 14.71
CA LEU A 329 1.29 22.52 13.33
C LEU A 329 2.79 22.16 13.24
N ARG A 330 3.55 22.46 14.29
CA ARG A 330 4.96 22.11 14.35
C ARG A 330 5.16 20.71 15.00
N THR A 331 4.09 19.90 15.09
CA THR A 331 4.15 18.56 15.69
C THR A 331 4.20 17.50 14.58
N ARG A 332 5.15 16.59 14.68
CA ARG A 332 5.30 15.52 13.69
C ARG A 332 4.07 14.64 13.66
N GLY A 333 3.54 14.42 12.46
CA GLY A 333 2.32 13.64 12.25
C GLY A 333 1.00 14.32 12.62
N ALA A 334 1.01 15.62 13.02
CA ALA A 334 -0.24 16.25 13.43
C ALA A 334 -1.19 16.55 12.26
N PHE A 335 -0.66 16.70 11.04
CA PHE A 335 -1.55 16.92 9.90
C PHE A 335 -1.80 15.52 9.34
N GLU A 336 -2.84 14.89 9.85
CA GLU A 336 -3.17 13.51 9.48
C GLU A 336 -3.58 13.40 8.02
N THR A 337 -3.32 12.23 7.38
CA THR A 337 -3.70 12.06 5.99
C THR A 337 -5.20 12.23 5.83
N ARG A 338 -5.99 11.77 6.83
CA ARG A 338 -7.46 11.92 6.77
C ARG A 338 -7.87 13.41 6.69
N PHE A 339 -7.04 14.34 7.21
CA PHE A 339 -7.35 15.77 7.11
C PHE A 339 -7.18 16.21 5.65
N VAL A 340 -6.22 15.61 4.91
CA VAL A 340 -6.00 15.93 3.49
C VAL A 340 -7.29 15.61 2.72
N SER A 341 -7.84 14.40 2.95
CA SER A 341 -9.10 13.99 2.31
C SER A 341 -10.27 14.90 2.73
N GLN A 342 -10.35 15.24 4.03
CA GLN A 342 -11.43 16.09 4.57
C GLN A 342 -11.36 17.53 4.01
N VAL A 343 -10.14 18.07 3.86
CA VAL A 343 -9.94 19.41 3.29
C VAL A 343 -10.43 19.41 1.82
N GLU A 344 -10.06 18.36 1.03
CA GLU A 344 -10.44 18.33 -0.37
C GLU A 344 -11.93 17.97 -0.60
N SER A 345 -12.65 17.63 0.47
CA SER A 345 -14.10 17.31 0.44
C SER A 345 -14.93 18.56 0.75
N ASP A 346 -14.27 19.63 1.18
CA ASP A 346 -14.93 20.90 1.49
C ASP A 346 -15.72 21.42 0.26
N THR A 347 -17.00 21.75 0.45
CA THR A 347 -17.96 22.20 -0.59
C THR A 347 -17.66 23.58 -1.21
N GLY A 348 -16.81 24.37 -0.55
CA GLY A 348 -16.49 25.71 -1.02
C GLY A 348 -16.69 26.77 0.04
N ASP A 349 -17.48 26.47 1.09
CA ASP A 349 -17.76 27.40 2.19
C ASP A 349 -16.58 27.51 3.19
N ARG A 350 -15.60 26.57 3.10
CA ARG A 350 -14.39 26.52 3.95
C ARG A 350 -14.63 26.02 5.36
N LYS A 351 -15.86 25.62 5.69
CA LYS A 351 -16.19 25.14 7.04
C LYS A 351 -15.37 23.94 7.49
N GLN A 352 -15.26 22.91 6.64
CA GLN A 352 -14.48 21.72 6.96
C GLN A 352 -13.01 22.08 7.16
N ILE A 353 -12.47 22.96 6.29
CA ILE A 353 -11.06 23.38 6.37
C ILE A 353 -10.86 24.18 7.66
N TYR A 354 -11.78 25.12 7.93
CA TYR A 354 -11.72 25.93 9.16
C TYR A 354 -11.66 25.04 10.42
N ASN A 355 -12.54 24.03 10.52
CA ASN A 355 -12.60 23.11 11.67
C ASN A 355 -11.29 22.43 11.97
N ILE A 356 -10.67 21.80 10.94
CA ILE A 356 -9.38 21.11 11.07
C ILE A 356 -8.31 22.09 11.55
N LEU A 357 -8.21 23.24 10.88
CA LEU A 357 -7.19 24.24 11.23
C LEU A 357 -7.38 24.84 12.63
N SER A 358 -8.63 25.05 13.05
CA SER A 358 -8.94 25.60 14.38
C SER A 358 -8.51 24.61 15.47
N THR A 359 -8.76 23.31 15.24
CA THR A 359 -8.41 22.20 16.12
C THR A 359 -6.88 22.05 16.24
N LEU A 360 -6.16 22.46 15.18
CA LEU A 360 -4.69 22.47 15.15
C LEU A 360 -4.11 23.74 15.83
N GLY A 361 -4.95 24.48 16.55
CA GLY A 361 -4.54 25.67 17.29
C GLY A 361 -4.28 26.89 16.42
N LEU A 362 -4.85 26.90 15.21
CA LEU A 362 -4.68 28.01 14.27
C LEU A 362 -5.94 28.87 14.25
N ARG A 363 -5.80 30.13 13.80
CA ARG A 363 -6.91 31.09 13.68
C ARG A 363 -6.98 31.46 12.20
N PRO A 364 -7.49 30.55 11.33
CA PRO A 364 -7.37 30.78 9.90
C PRO A 364 -8.31 31.78 9.26
N SER A 365 -7.80 32.53 8.27
CA SER A 365 -8.62 33.40 7.46
C SER A 365 -9.18 32.56 6.31
N THR A 366 -10.06 33.16 5.51
CA THR A 366 -10.63 32.52 4.33
C THR A 366 -9.51 32.18 3.33
N THR A 367 -8.54 33.11 3.17
CA THR A 367 -7.37 32.95 2.28
C THR A 367 -6.47 31.83 2.80
N ASP A 368 -6.24 31.73 4.13
CA ASP A 368 -5.44 30.65 4.70
C ASP A 368 -6.08 29.30 4.32
N CYS A 369 -7.42 29.19 4.48
CA CYS A 369 -8.18 27.97 4.16
C CYS A 369 -7.98 27.54 2.70
N ASP A 370 -8.07 28.51 1.76
CA ASP A 370 -7.89 28.27 0.32
C ASP A 370 -6.48 27.77 -0.01
N ILE A 371 -5.46 28.37 0.64
CA ILE A 371 -4.05 28.00 0.45
C ILE A 371 -3.80 26.56 0.96
N VAL A 372 -4.39 26.21 2.10
CA VAL A 372 -4.26 24.86 2.68
C VAL A 372 -4.89 23.86 1.70
N ARG A 373 -6.04 24.21 1.10
CA ARG A 373 -6.68 23.34 0.11
C ARG A 373 -5.76 23.11 -1.07
N ARG A 374 -5.14 24.18 -1.60
CA ARG A 374 -4.18 24.06 -2.72
C ARG A 374 -2.98 23.20 -2.36
N ALA A 375 -2.43 23.36 -1.14
CA ALA A 375 -1.31 22.52 -0.70
C ALA A 375 -1.73 21.03 -0.71
N CYS A 376 -2.93 20.71 -0.15
CA CYS A 376 -3.47 19.35 -0.13
C CYS A 376 -3.59 18.81 -1.55
N GLU A 377 -4.21 19.61 -2.46
CA GLU A 377 -4.43 19.20 -3.86
C GLU A 377 -3.10 18.92 -4.53
N SER A 378 -2.09 19.75 -4.25
CA SER A 378 -0.76 19.60 -4.85
C SER A 378 -0.11 18.26 -4.46
N VAL A 379 -0.14 17.91 -3.18
CA VAL A 379 0.48 16.67 -2.70
C VAL A 379 -0.32 15.45 -3.17
N SER A 380 -1.67 15.51 -3.05
CA SER A 380 -2.49 14.35 -3.44
C SER A 380 -2.54 14.12 -4.94
N THR A 381 -2.54 15.20 -5.74
CA THR A 381 -2.48 15.03 -7.20
C THR A 381 -1.17 14.39 -7.61
N ARG A 382 -0.05 14.84 -7.04
CA ARG A 382 1.25 14.25 -7.35
C ARG A 382 1.25 12.76 -6.95
N ALA A 383 0.63 12.42 -5.80
CA ALA A 383 0.55 11.03 -5.34
C ALA A 383 -0.25 10.23 -6.40
N ALA A 384 -1.40 10.74 -6.83
CA ALA A 384 -2.22 10.08 -7.87
C ALA A 384 -1.42 9.85 -9.17
N HIS A 385 -0.73 10.89 -9.61
CA HIS A 385 0.06 10.84 -10.85
C HIS A 385 1.25 9.91 -10.76
N MET A 386 2.02 9.98 -9.68
CA MET A 386 3.15 9.06 -9.52
C MET A 386 2.64 7.61 -9.47
N CYS A 387 1.56 7.35 -8.71
CA CYS A 387 0.98 6.00 -8.62
C CYS A 387 0.57 5.50 -10.01
N SER A 388 -0.05 6.40 -10.81
CA SER A 388 -0.52 6.03 -12.14
C SER A 388 0.60 5.50 -13.04
N ALA A 389 1.80 6.09 -12.91
CA ALA A 389 2.96 5.67 -13.72
C ALA A 389 3.37 4.23 -13.38
N GLY A 390 3.25 3.87 -12.10
CA GLY A 390 3.56 2.50 -11.65
C GLY A 390 2.56 1.51 -12.21
N LEU A 391 1.26 1.79 -12.00
CA LEU A 391 0.23 0.86 -12.50
C LEU A 391 0.25 0.74 -14.03
N ALA A 392 0.47 1.87 -14.71
CA ALA A 392 0.53 1.85 -16.18
C ALA A 392 1.73 0.99 -16.67
N GLY A 393 2.84 1.04 -15.95
CA GLY A 393 4.02 0.23 -16.26
C GLY A 393 3.70 -1.25 -16.17
N VAL A 394 3.00 -1.66 -15.09
CA VAL A 394 2.61 -3.07 -14.89
C VAL A 394 1.65 -3.49 -16.00
N ILE A 395 0.56 -2.73 -16.20
CA ILE A 395 -0.45 -3.09 -17.22
C ILE A 395 0.16 -3.15 -18.63
N ASN A 396 0.97 -2.16 -19.00
CA ASN A 396 1.64 -2.16 -20.32
C ASN A 396 2.55 -3.34 -20.48
N ARG A 397 3.28 -3.69 -19.40
CA ARG A 397 4.15 -4.87 -19.42
C ARG A 397 3.33 -6.16 -19.64
N MET A 398 2.17 -6.29 -18.98
CA MET A 398 1.32 -7.47 -19.16
C MET A 398 0.77 -7.57 -20.56
N ARG A 399 0.37 -6.44 -21.15
CA ARG A 399 -0.19 -6.46 -22.52
C ARG A 399 0.87 -7.01 -23.51
N GLU A 400 2.10 -6.54 -23.34
CA GLU A 400 3.28 -6.90 -24.13
C GLU A 400 3.62 -8.39 -23.92
N SER A 401 3.73 -8.86 -22.65
CA SER A 401 4.02 -10.28 -22.36
C SER A 401 2.97 -11.26 -22.89
N ARG A 402 1.71 -10.81 -22.97
CA ARG A 402 0.60 -11.63 -23.44
C ARG A 402 0.38 -11.53 -24.94
N SER A 403 1.16 -10.68 -25.63
CA SER A 403 1.06 -10.42 -27.07
C SER A 403 -0.39 -10.04 -27.45
N GLU A 404 -1.01 -9.22 -26.60
CA GLU A 404 -2.39 -8.78 -26.80
C GLU A 404 -2.46 -7.49 -27.57
N ASP A 405 -3.34 -7.42 -28.60
CA ASP A 405 -3.52 -6.16 -29.34
C ASP A 405 -4.24 -5.18 -28.40
N VAL A 406 -5.36 -5.62 -27.82
CA VAL A 406 -6.16 -4.85 -26.86
C VAL A 406 -6.29 -5.71 -25.62
N MET A 407 -5.75 -5.23 -24.50
CA MET A 407 -5.87 -6.00 -23.29
C MET A 407 -7.00 -5.48 -22.40
N ARG A 408 -7.94 -6.36 -22.06
CA ARG A 408 -9.05 -6.04 -21.17
C ARG A 408 -8.69 -6.69 -19.85
N ILE A 409 -8.53 -5.87 -18.82
CA ILE A 409 -8.09 -6.36 -17.51
C ILE A 409 -8.79 -5.68 -16.36
N THR A 410 -8.92 -6.39 -15.23
CA THR A 410 -9.49 -5.80 -14.03
C THR A 410 -8.38 -5.63 -13.00
N VAL A 411 -8.40 -4.51 -12.28
CA VAL A 411 -7.47 -4.21 -11.20
C VAL A 411 -8.31 -4.15 -9.91
N GLY A 412 -7.96 -4.97 -8.91
CA GLY A 412 -8.60 -4.94 -7.60
C GLY A 412 -7.82 -4.04 -6.69
N VAL A 413 -8.51 -3.10 -6.00
CA VAL A 413 -7.84 -2.07 -5.18
C VAL A 413 -8.37 -2.00 -3.75
N ASP A 414 -7.46 -1.80 -2.78
CA ASP A 414 -7.86 -1.52 -1.39
C ASP A 414 -6.96 -0.43 -0.86
N GLY A 415 -7.30 0.11 0.31
CA GLY A 415 -6.50 1.13 0.96
C GLY A 415 -7.29 2.39 1.16
N SER A 416 -7.04 3.07 2.30
CA SER A 416 -7.80 4.27 2.66
C SER A 416 -7.62 5.46 1.72
N VAL A 417 -6.41 5.62 1.15
CA VAL A 417 -6.14 6.75 0.26
C VAL A 417 -7.00 6.61 -0.99
N TYR A 418 -6.92 5.46 -1.66
CA TYR A 418 -7.74 5.23 -2.85
C TYR A 418 -9.26 5.27 -2.55
N LYS A 419 -9.68 4.61 -1.46
CA LYS A 419 -11.12 4.50 -1.17
C LYS A 419 -11.77 5.76 -0.64
N LEU A 420 -11.11 6.46 0.28
CA LEU A 420 -11.71 7.60 0.99
C LEU A 420 -11.35 9.00 0.48
N HIS A 421 -10.23 9.18 -0.20
CA HIS A 421 -9.86 10.50 -0.70
C HIS A 421 -10.92 10.91 -1.75
N PRO A 422 -11.47 12.15 -1.67
CA PRO A 422 -12.56 12.53 -2.59
C PRO A 422 -12.20 12.61 -4.09
N SER A 423 -10.92 12.78 -4.43
CA SER A 423 -10.58 12.92 -5.85
C SER A 423 -9.38 12.14 -6.35
N PHE A 424 -8.60 11.51 -5.45
CA PHE A 424 -7.42 10.72 -5.82
C PHE A 424 -7.79 9.71 -6.91
N LYS A 425 -8.85 8.91 -6.68
CA LYS A 425 -9.36 7.85 -7.57
C LYS A 425 -9.54 8.38 -9.00
N GLU A 426 -10.28 9.49 -9.12
CA GLU A 426 -10.61 10.11 -10.40
C GLU A 426 -9.33 10.59 -11.12
N ARG A 427 -8.42 11.25 -10.38
CA ARG A 427 -7.16 11.74 -10.96
C ARG A 427 -6.28 10.55 -11.39
N PHE A 428 -6.24 9.51 -10.55
CA PHE A 428 -5.46 8.30 -10.78
C PHE A 428 -5.97 7.55 -12.00
N HIS A 429 -7.28 7.30 -12.08
CA HIS A 429 -7.84 6.59 -13.24
C HIS A 429 -7.54 7.30 -14.56
N ALA A 430 -7.75 8.64 -14.59
CA ALA A 430 -7.56 9.42 -15.82
C ALA A 430 -6.10 9.35 -16.29
N SER A 431 -5.15 9.43 -15.34
CA SER A 431 -3.72 9.40 -15.65
C SER A 431 -3.30 8.00 -16.12
N VAL A 432 -3.76 6.93 -15.44
CA VAL A 432 -3.47 5.55 -15.87
C VAL A 432 -3.97 5.38 -17.32
N ARG A 433 -5.21 5.84 -17.57
CA ARG A 433 -5.80 5.70 -18.91
C ARG A 433 -5.02 6.41 -20.02
N ARG A 434 -4.48 7.60 -19.75
CA ARG A 434 -3.66 8.33 -20.74
C ARG A 434 -2.37 7.54 -21.07
N LEU A 435 -1.82 6.83 -20.08
CA LEU A 435 -0.57 6.08 -20.17
C LEU A 435 -0.74 4.64 -20.67
N THR A 436 -2.00 4.18 -20.87
CA THR A 436 -2.26 2.79 -21.28
C THR A 436 -3.14 2.68 -22.57
N PRO A 437 -2.39 2.94 -23.68
N PRO A 437 -2.91 3.38 -23.73
CA PRO A 437 -2.96 2.75 -25.00
CA PRO A 437 -3.90 3.38 -24.87
C PRO A 437 -3.09 1.28 -25.18
C PRO A 437 -4.79 2.20 -25.40
N SER A 438 -4.24 1.00 -25.65
CA SER A 438 -4.82 -0.25 -26.11
C SER A 438 -5.11 -1.19 -24.94
N CYS A 439 -5.42 -0.59 -23.78
CA CYS A 439 -5.84 -1.32 -22.61
C CYS A 439 -7.22 -0.83 -22.20
N GLU A 440 -8.08 -1.75 -21.79
CA GLU A 440 -9.40 -1.44 -21.26
C GLU A 440 -9.32 -1.91 -19.82
N ILE A 441 -9.12 -0.96 -18.90
CA ILE A 441 -8.94 -1.26 -17.48
C ILE A 441 -10.20 -1.01 -16.65
N THR A 442 -10.68 -2.05 -15.96
CA THR A 442 -11.81 -1.94 -15.05
C THR A 442 -11.22 -1.92 -13.64
N PHE A 443 -11.64 -0.95 -12.80
CA PHE A 443 -11.13 -0.89 -11.44
C PHE A 443 -12.21 -1.33 -10.49
N ILE A 444 -11.90 -2.27 -9.60
CA ILE A 444 -12.86 -2.71 -8.59
C ILE A 444 -12.29 -2.57 -7.19
N GLU A 445 -13.14 -2.25 -6.19
CA GLU A 445 -12.73 -2.09 -4.80
C GLU A 445 -13.05 -3.36 -4.06
N SER A 446 -12.11 -3.87 -3.25
CA SER A 446 -12.33 -5.12 -2.52
C SER A 446 -13.31 -4.94 -1.35
N GLU A 447 -14.20 -5.94 -1.15
CA GLU A 447 -15.20 -6.02 -0.08
C GLU A 447 -14.67 -7.06 0.93
N GLU A 448 -14.07 -6.57 2.04
CA GLU A 448 -13.42 -7.38 3.09
C GLU A 448 -12.36 -8.26 2.45
N GLY A 449 -11.55 -7.59 1.62
CA GLY A 449 -10.52 -8.13 0.74
C GLY A 449 -9.57 -9.14 1.29
N SER A 450 -8.84 -8.76 2.35
CA SER A 450 -7.83 -9.61 2.93
C SER A 450 -8.32 -11.03 3.31
N GLY A 451 -9.34 -11.09 4.18
CA GLY A 451 -9.87 -12.33 4.76
C GLY A 451 -10.31 -13.40 3.80
N ARG A 452 -11.16 -13.03 2.83
CA ARG A 452 -11.68 -13.93 1.79
C ARG A 452 -10.54 -14.41 0.89
N GLY A 453 -9.68 -13.49 0.46
CA GLY A 453 -8.53 -13.80 -0.39
C GLY A 453 -7.57 -14.77 0.26
N ALA A 454 -7.17 -14.49 1.52
CA ALA A 454 -6.27 -15.38 2.27
C ALA A 454 -6.88 -16.79 2.46
N ALA A 455 -8.21 -16.89 2.76
CA ALA A 455 -8.90 -18.17 2.93
C ALA A 455 -8.97 -19.00 1.66
N LEU A 456 -9.16 -18.35 0.49
CA LEU A 456 -9.20 -19.05 -0.81
C LEU A 456 -7.83 -19.65 -1.11
N VAL A 457 -6.76 -18.91 -0.77
CA VAL A 457 -5.38 -19.40 -0.93
C VAL A 457 -5.16 -20.56 0.05
N SER A 458 -5.59 -20.39 1.34
CA SER A 458 -5.40 -21.45 2.34
C SER A 458 -6.14 -22.76 1.99
N ALA A 459 -7.32 -22.65 1.34
CA ALA A 459 -8.16 -23.79 0.92
C ALA A 459 -7.39 -24.67 -0.08
N VAL A 460 -6.68 -24.04 -1.02
CA VAL A 460 -5.84 -24.70 -2.03
C VAL A 460 -4.59 -25.27 -1.36
N ALA A 461 -3.86 -24.43 -0.59
CA ALA A 461 -2.63 -24.81 0.11
C ALA A 461 -2.77 -26.02 1.02
N CYS A 462 -3.90 -26.18 1.72
CA CYS A 462 -4.03 -27.34 2.60
C CYS A 462 -4.58 -28.61 1.90
N LYS A 463 -4.66 -28.57 0.54
CA LYS A 463 -5.10 -29.63 -0.38
C LYS A 463 -6.61 -29.88 -0.35
#